data_9CRN
#
_entry.id   9CRN
#
_cell.length_a   51.272
_cell.length_b   88.334
_cell.length_c   94.092
_cell.angle_alpha   90.000
_cell.angle_beta   90.000
_cell.angle_gamma   90.000
#
_symmetry.space_group_name_H-M   'P 21 21 21'
#
loop_
_entity.id
_entity.type
_entity.pdbx_description
1 polymer 'Transglutaminase-like domain-containing protein'
2 non-polymer 'SODIUM ION'
3 non-polymer GLYCEROL
4 water water
#
_entity_poly.entity_id   1
_entity_poly.type   'polypeptide(L)'
_entity_poly.pdbx_seq_one_letter_code
;SNTDSVFSLTGKKRQQIVKQVRQRYYFQQLSKTEQENYLTLYDSLAQFREIISLTPASKKSLIKTIDAFVMDNPEFYWIT
SADYRFEFSDQTVFVTFPIPEDAKNVYQDLQAIGNDIVANTPSKDRYEQVKYFYEVIIRDTDYNKKAFEAYQSGSQAQVA
SNQDIKSVFIDHLSVCNGYAQAFQFLCQKAGIPVAYIRGTGTSQQPQQSFAHAWNAVQINNTYYGVDVTWGDPVFDNHLS
HQKQGTINYSFLCLPDYLMALSHQPSKDIAFNTKERFENVWTIPSCTDDSLLYSKRHQSYISTFDSDAILASLENQLLNR
QEPLSLQFAHQDDYQQMVTDLTTNQTGYHNLFNQYWNNYTGFTYGLLPETLSISFASRN
;
_entity_poly.pdbx_strand_id   A
#
# COMPACT_ATOMS: atom_id res chain seq x y z
N SER A 5 35.90 -6.44 5.07
CA SER A 5 35.39 -7.78 4.80
C SER A 5 35.50 -8.18 3.34
N VAL A 6 35.74 -9.47 3.11
CA VAL A 6 35.89 -9.97 1.75
C VAL A 6 34.59 -9.96 0.98
N PHE A 7 33.44 -9.90 1.66
CA PHE A 7 32.15 -9.97 0.99
C PHE A 7 31.60 -8.60 0.62
N SER A 8 32.19 -7.52 1.14
CA SER A 8 31.74 -6.18 0.80
C SER A 8 31.95 -5.88 -0.68
N LEU A 9 30.99 -5.19 -1.29
CA LEU A 9 31.12 -4.79 -2.68
C LEU A 9 32.26 -3.79 -2.84
N THR A 10 32.84 -3.77 -4.04
CA THR A 10 33.92 -2.84 -4.34
C THR A 10 33.72 -2.27 -5.75
N GLY A 11 34.55 -1.28 -6.07
CA GLY A 11 34.71 -0.77 -7.42
C GLY A 11 33.45 -0.16 -8.01
N LYS A 12 33.35 -0.24 -9.33
CA LYS A 12 32.20 0.31 -10.03
C LYS A 12 30.91 -0.35 -9.58
N LYS A 13 30.94 -1.67 -9.39
CA LYS A 13 29.73 -2.38 -8.98
C LYS A 13 29.16 -1.82 -7.69
N ARG A 14 30.03 -1.51 -6.72
CA ARG A 14 29.56 -0.91 -5.48
C ARG A 14 28.88 0.43 -5.75
N GLN A 15 29.52 1.29 -6.55
CA GLN A 15 28.91 2.57 -6.87
C GLN A 15 27.52 2.39 -7.45
N GLN A 16 27.37 1.43 -8.37
CA GLN A 16 26.08 1.19 -8.99
C GLN A 16 25.03 0.75 -7.98
N ILE A 17 25.42 -0.11 -7.04
CA ILE A 17 24.45 -0.62 -6.06
C ILE A 17 24.12 0.45 -5.02
N VAL A 18 25.13 1.20 -4.59
CA VAL A 18 24.88 2.29 -3.63
C VAL A 18 23.82 3.23 -4.19
N LYS A 19 23.93 3.58 -5.47
CA LYS A 19 22.93 4.44 -6.10
C LYS A 19 21.56 3.75 -6.12
N GLN A 20 21.54 2.44 -6.39
CA GLN A 20 20.28 1.75 -6.61
C GLN A 20 19.44 1.69 -5.35
N VAL A 21 20.08 1.57 -4.18
CA VAL A 21 19.34 1.33 -2.95
C VAL A 21 19.18 2.56 -2.08
N ARG A 22 19.66 3.72 -2.53
CA ARG A 22 19.77 4.86 -1.61
C ARG A 22 18.42 5.27 -1.04
N GLN A 23 17.33 5.02 -1.76
CA GLN A 23 16.01 5.43 -1.32
C GLN A 23 15.23 4.34 -0.59
N ARG A 24 15.78 3.13 -0.51
CA ARG A 24 15.05 2.03 0.10
C ARG A 24 14.73 2.35 1.55
N TYR A 25 13.55 1.95 2.00
CA TYR A 25 13.03 2.45 3.28
C TYR A 25 13.75 1.83 4.47
N TYR A 26 13.66 0.50 4.63
CA TYR A 26 14.21 -0.12 5.83
C TYR A 26 15.74 -0.12 5.81
N PHE A 27 16.34 -0.09 4.63
CA PHE A 27 17.77 0.11 4.45
C PHE A 27 18.26 1.27 5.32
N GLN A 28 17.48 2.35 5.39
CA GLN A 28 17.90 3.54 6.12
C GLN A 28 18.06 3.29 7.62
N GLN A 29 17.44 2.25 8.14
CA GLN A 29 17.44 1.96 9.56
C GLN A 29 18.45 0.88 9.92
N LEU A 30 19.32 0.51 8.99
CA LEU A 30 20.35 -0.49 9.20
C LEU A 30 21.69 0.17 9.55
N SER A 31 22.47 -0.54 10.36
CA SER A 31 23.78 -0.07 10.74
C SER A 31 24.75 -0.23 9.57
N LYS A 32 26.02 0.13 9.82
CA LYS A 32 27.03 0.08 8.76
C LYS A 32 27.25 -1.36 8.29
N THR A 33 27.56 -2.27 9.23
CA THR A 33 27.77 -3.66 8.83
C THR A 33 26.54 -4.24 8.17
N GLU A 34 25.35 -3.87 8.67
CA GLU A 34 24.12 -4.38 8.08
C GLU A 34 23.91 -3.83 6.68
N GLN A 35 24.28 -2.57 6.46
CA GLN A 35 24.15 -2.02 5.11
C GLN A 35 25.11 -2.70 4.15
N GLU A 36 26.32 -3.03 4.61
CA GLU A 36 27.26 -3.74 3.74
C GLU A 36 26.66 -5.07 3.29
N ASN A 37 26.06 -5.82 4.22
CA ASN A 37 25.47 -7.10 3.85
C ASN A 37 24.26 -6.94 2.95
N TYR A 38 23.48 -5.88 3.17
CA TYR A 38 22.38 -5.52 2.28
C TYR A 38 22.88 -5.28 0.87
N LEU A 39 23.98 -4.55 0.72
CA LEU A 39 24.55 -4.34 -0.60
C LEU A 39 24.97 -5.67 -1.23
N THR A 40 25.62 -6.53 -0.44
CA THR A 40 26.02 -7.84 -0.94
C THR A 40 24.82 -8.66 -1.36
N LEU A 41 23.74 -8.63 -0.55
CA LEU A 41 22.53 -9.34 -0.91
C LEU A 41 21.97 -8.86 -2.24
N TYR A 42 21.98 -7.54 -2.46
CA TYR A 42 21.44 -7.00 -3.69
C TYR A 42 22.23 -7.51 -4.90
N ASP A 43 23.56 -7.36 -4.84
CA ASP A 43 24.42 -7.80 -5.94
C ASP A 43 24.22 -9.28 -6.24
N SER A 44 24.15 -10.11 -5.20
CA SER A 44 24.09 -11.55 -5.43
C SER A 44 22.74 -11.98 -5.99
N LEU A 45 21.65 -11.41 -5.47
CA LEU A 45 20.34 -11.72 -6.01
C LEU A 45 20.18 -11.18 -7.43
N ALA A 46 20.82 -10.04 -7.74
CA ALA A 46 20.80 -9.54 -9.12
C ALA A 46 21.59 -10.45 -10.05
N GLN A 47 22.50 -11.26 -9.52
CA GLN A 47 23.16 -12.31 -10.29
C GLN A 47 22.45 -13.65 -10.18
N PHE A 48 21.30 -13.69 -9.48
CA PHE A 48 20.43 -14.86 -9.46
C PHE A 48 21.09 -16.03 -8.74
N ARG A 49 21.76 -15.73 -7.63
CA ARG A 49 22.40 -16.73 -6.80
C ARG A 49 21.41 -17.24 -5.76
N GLU A 50 21.41 -18.56 -5.57
CA GLU A 50 20.56 -19.15 -4.54
C GLU A 50 21.14 -18.93 -3.15
N ILE A 51 22.46 -18.99 -3.02
CA ILE A 51 23.14 -18.89 -1.73
C ILE A 51 24.02 -17.65 -1.74
N ILE A 52 23.88 -16.80 -0.72
CA ILE A 52 24.62 -15.55 -0.60
C ILE A 52 25.53 -15.64 0.61
N SER A 53 26.79 -15.23 0.42
CA SER A 53 27.79 -15.23 1.50
C SER A 53 27.88 -13.84 2.11
N LEU A 54 27.58 -13.75 3.40
CA LEU A 54 27.53 -12.49 4.12
C LEU A 54 28.52 -12.50 5.28
N THR A 55 28.81 -11.30 5.78
CA THR A 55 29.77 -11.22 6.88
C THR A 55 29.07 -11.45 8.21
N PRO A 56 29.73 -12.13 9.15
CA PRO A 56 29.05 -12.51 10.39
C PRO A 56 28.64 -11.32 11.24
N ALA A 57 27.47 -11.44 11.86
CA ALA A 57 26.94 -10.50 12.82
C ALA A 57 26.09 -11.31 13.80
N SER A 58 25.51 -10.64 14.78
CA SER A 58 24.56 -11.34 15.64
C SER A 58 23.41 -11.91 14.82
N LYS A 59 22.77 -12.96 15.36
CA LYS A 59 21.59 -13.52 14.72
C LYS A 59 20.54 -12.44 14.49
N LYS A 60 20.32 -11.58 15.49
CA LYS A 60 19.32 -10.52 15.35
C LYS A 60 19.72 -9.55 14.23
N SER A 61 20.99 -9.15 14.18
CA SER A 61 21.41 -8.22 13.15
C SER A 61 21.23 -8.80 11.76
N LEU A 62 21.52 -10.09 11.59
CA LEU A 62 21.32 -10.71 10.28
C LEU A 62 19.85 -10.77 9.93
N ILE A 63 18.99 -11.12 10.89
CA ILE A 63 17.56 -11.18 10.61
C ILE A 63 17.03 -9.80 10.27
N LYS A 64 17.50 -8.77 10.97
CA LYS A 64 17.11 -7.40 10.65
C LYS A 64 17.51 -7.06 9.21
N THR A 65 18.73 -7.43 8.82
CA THR A 65 19.22 -7.12 7.49
C THR A 65 18.40 -7.83 6.43
N ILE A 66 18.12 -9.11 6.63
CA ILE A 66 17.36 -9.89 5.66
C ILE A 66 15.93 -9.37 5.59
N ASP A 67 15.32 -9.11 6.75
CA ASP A 67 13.94 -8.65 6.79
C ASP A 67 13.79 -7.31 6.09
N ALA A 68 14.71 -6.38 6.36
CA ALA A 68 14.70 -5.11 5.65
C ALA A 68 14.84 -5.34 4.15
N PHE A 69 15.74 -6.24 3.75
CA PHE A 69 15.98 -6.42 2.32
C PHE A 69 14.74 -6.98 1.62
N VAL A 70 14.08 -7.96 2.25
CA VAL A 70 12.92 -8.58 1.62
C VAL A 70 11.79 -7.59 1.49
N MET A 71 11.53 -6.80 2.53
CA MET A 71 10.46 -5.81 2.47
C MET A 71 10.77 -4.73 1.44
N ASP A 72 12.05 -4.40 1.28
CA ASP A 72 12.45 -3.27 0.44
C ASP A 72 12.51 -3.58 -1.05
N ASN A 73 12.68 -4.84 -1.44
CA ASN A 73 13.11 -5.17 -2.80
C ASN A 73 12.17 -6.16 -3.46
N PRO A 74 10.99 -5.71 -3.86
CA PRO A 74 10.06 -6.61 -4.57
C PRO A 74 10.58 -7.13 -5.90
N GLU A 75 11.55 -6.46 -6.53
CA GLU A 75 11.99 -6.87 -7.86
C GLU A 75 12.46 -8.33 -7.86
N PHE A 76 13.09 -8.77 -6.77
CA PHE A 76 13.51 -10.17 -6.63
C PHE A 76 12.29 -10.95 -6.13
N TYR A 77 11.37 -11.23 -7.05
CA TYR A 77 10.04 -11.68 -6.66
C TYR A 77 10.09 -12.99 -5.90
N TRP A 78 11.13 -13.79 -6.10
CA TRP A 78 11.19 -15.11 -5.47
C TRP A 78 11.57 -15.05 -4.01
N ILE A 79 12.00 -13.91 -3.49
CA ILE A 79 12.34 -13.83 -2.06
C ILE A 79 11.20 -13.30 -1.21
N THR A 80 10.15 -12.75 -1.82
CA THR A 80 9.19 -11.93 -1.09
C THR A 80 8.43 -12.74 -0.04
N SER A 81 8.16 -14.01 -0.29
CA SER A 81 7.44 -14.85 0.67
C SER A 81 8.29 -15.99 1.22
N ALA A 82 9.61 -15.93 1.05
CA ALA A 82 10.49 -17.02 1.44
C ALA A 82 10.75 -17.00 2.94
N ASP A 83 11.02 -18.18 3.49
CA ASP A 83 11.53 -18.29 4.85
C ASP A 83 12.91 -17.65 4.93
N TYR A 84 13.27 -17.16 6.12
CA TYR A 84 14.61 -16.61 6.35
C TYR A 84 15.52 -17.74 6.81
N ARG A 85 16.41 -18.20 5.92
CA ARG A 85 17.23 -19.38 6.17
C ARG A 85 18.70 -19.01 6.04
N PHE A 86 19.47 -19.19 7.12
CA PHE A 86 20.91 -18.98 7.02
C PHE A 86 21.65 -19.90 7.98
N GLU A 87 22.96 -20.00 7.75
CA GLU A 87 23.83 -20.94 8.45
C GLU A 87 25.20 -20.31 8.66
N PHE A 88 25.73 -20.43 9.87
CA PHE A 88 27.03 -19.90 10.22
C PHE A 88 28.10 -20.94 10.00
N SER A 89 29.21 -20.55 9.38
CA SER A 89 30.28 -21.49 9.08
C SER A 89 31.52 -20.73 8.66
N ASP A 90 32.65 -21.04 9.30
CA ASP A 90 33.95 -20.55 8.89
C ASP A 90 33.92 -19.06 8.56
N GLN A 91 33.56 -18.26 9.57
CA GLN A 91 33.56 -16.80 9.45
C GLN A 91 32.69 -16.31 8.30
N THR A 92 31.72 -17.11 7.87
CA THR A 92 30.78 -16.76 6.82
C THR A 92 29.37 -17.06 7.29
N VAL A 93 28.40 -16.23 6.88
CA VAL A 93 26.99 -16.56 7.01
C VAL A 93 26.47 -16.84 5.61
N PHE A 94 25.99 -18.06 5.40
CA PHE A 94 25.41 -18.47 4.12
C PHE A 94 23.89 -18.32 4.22
N VAL A 95 23.32 -17.44 3.40
CA VAL A 95 21.89 -17.23 3.34
C VAL A 95 21.35 -17.87 2.07
N THR A 96 20.28 -18.66 2.21
CA THR A 96 19.68 -19.37 1.08
C THR A 96 18.29 -18.84 0.81
N PHE A 97 18.06 -18.41 -0.43
CA PHE A 97 16.71 -18.15 -0.96
C PHE A 97 16.49 -19.11 -2.11
N PRO A 98 15.72 -20.18 -1.95
CA PRO A 98 15.40 -21.03 -3.11
C PRO A 98 14.96 -20.18 -4.30
N ILE A 99 15.53 -20.46 -5.47
CA ILE A 99 15.38 -19.61 -6.65
C ILE A 99 14.77 -20.44 -7.76
N PRO A 100 13.71 -19.98 -8.43
CA PRO A 100 13.12 -20.77 -9.51
C PRO A 100 14.03 -20.84 -10.72
N GLU A 101 13.79 -21.86 -11.54
CA GLU A 101 14.64 -22.11 -12.69
C GLU A 101 14.53 -21.00 -13.73
N ASP A 102 13.35 -20.41 -13.88
CA ASP A 102 13.11 -19.36 -14.87
C ASP A 102 13.25 -17.96 -14.27
N ALA A 103 13.99 -17.83 -13.16
CA ALA A 103 13.97 -16.58 -12.40
C ALA A 103 14.50 -15.41 -13.21
N LYS A 104 15.50 -15.65 -14.07
CA LYS A 104 16.07 -14.54 -14.82
C LYS A 104 15.07 -13.97 -15.82
N ASN A 105 14.40 -14.85 -16.57
CA ASN A 105 13.49 -14.36 -17.60
C ASN A 105 12.23 -13.77 -17.00
N VAL A 106 11.76 -14.31 -15.87
CA VAL A 106 10.62 -13.72 -15.19
C VAL A 106 11.00 -12.38 -14.58
N TYR A 107 12.19 -12.31 -13.98
CA TYR A 107 12.68 -11.04 -13.44
C TYR A 107 12.69 -9.96 -14.50
N GLN A 108 13.19 -10.29 -15.70
CA GLN A 108 13.25 -9.32 -16.78
C GLN A 108 11.87 -9.05 -17.38
N ASP A 109 10.98 -10.04 -17.35
CA ASP A 109 9.59 -9.79 -17.74
C ASP A 109 8.99 -8.70 -16.87
N LEU A 110 9.24 -8.78 -15.57
CA LEU A 110 8.68 -7.79 -14.64
C LEU A 110 9.35 -6.43 -14.80
N GLN A 111 10.66 -6.43 -15.09
CA GLN A 111 11.34 -5.17 -15.37
C GLN A 111 10.71 -4.47 -16.57
N ALA A 112 10.42 -5.22 -17.62
CA ALA A 112 9.86 -4.62 -18.83
C ALA A 112 8.45 -4.08 -18.57
N ILE A 113 7.63 -4.82 -17.83
CA ILE A 113 6.29 -4.34 -17.53
C ILE A 113 6.37 -3.10 -16.65
N GLY A 114 7.17 -3.17 -15.58
CA GLY A 114 7.31 -2.02 -14.70
C GLY A 114 7.83 -0.79 -15.43
N ASN A 115 8.88 -0.97 -16.23
CA ASN A 115 9.42 0.16 -16.98
C ASN A 115 8.38 0.75 -17.91
N ASP A 116 7.56 -0.09 -18.53
CA ASP A 116 6.54 0.42 -19.44
C ASP A 116 5.50 1.24 -18.69
N ILE A 117 5.06 0.74 -17.53
CA ILE A 117 4.06 1.45 -16.76
C ILE A 117 4.59 2.82 -16.34
N VAL A 118 5.80 2.85 -15.80
CA VAL A 118 6.36 4.09 -15.29
C VAL A 118 6.66 5.06 -16.42
N ALA A 119 7.25 4.56 -17.51
CA ALA A 119 7.65 5.46 -18.60
C ALA A 119 6.48 6.18 -19.23
N ASN A 120 5.27 5.61 -19.17
CA ASN A 120 4.12 6.14 -19.90
C ASN A 120 3.06 6.72 -18.96
N THR A 121 3.42 7.03 -17.73
CA THR A 121 2.52 7.77 -16.87
C THR A 121 2.12 9.08 -17.56
N PRO A 122 0.84 9.44 -17.60
CA PRO A 122 0.44 10.64 -18.35
C PRO A 122 1.01 11.93 -17.77
N SER A 123 1.21 12.00 -16.47
CA SER A 123 1.77 13.16 -15.80
C SER A 123 3.03 12.76 -15.07
N LYS A 124 3.96 13.70 -14.92
CA LYS A 124 5.15 13.48 -14.12
C LYS A 124 5.05 14.12 -12.74
N ASP A 125 3.89 14.67 -12.39
CA ASP A 125 3.63 15.10 -11.02
C ASP A 125 3.57 13.87 -10.12
N ARG A 126 4.29 13.93 -8.99
CA ARG A 126 4.46 12.74 -8.16
C ARG A 126 3.13 12.24 -7.62
N TYR A 127 2.25 13.15 -7.18
CA TYR A 127 0.94 12.70 -6.72
C TYR A 127 0.17 12.02 -7.85
N GLU A 128 0.15 12.66 -9.03
CA GLU A 128 -0.55 12.05 -10.16
C GLU A 128 0.05 10.70 -10.51
N GLN A 129 1.37 10.52 -10.37
CA GLN A 129 1.97 9.22 -10.64
C GLN A 129 1.52 8.19 -9.62
N VAL A 130 1.51 8.57 -8.33
CA VAL A 130 1.05 7.65 -7.28
C VAL A 130 -0.42 7.29 -7.50
N LYS A 131 -1.25 8.28 -7.82
CA LYS A 131 -2.65 7.99 -8.12
C LYS A 131 -2.77 7.07 -9.32
N TYR A 132 -1.92 7.27 -10.33
CA TYR A 132 -1.96 6.44 -11.53
C TYR A 132 -1.57 5.00 -11.21
N PHE A 133 -0.58 4.80 -10.34
CA PHE A 133 -0.17 3.45 -9.97
C PHE A 133 -1.28 2.72 -9.20
N TYR A 134 -1.86 3.41 -8.21
CA TYR A 134 -3.07 2.95 -7.53
C TYR A 134 -4.11 2.46 -8.52
N GLU A 135 -4.48 3.30 -9.47
CA GLU A 135 -5.49 2.95 -10.47
C GLU A 135 -5.06 1.74 -11.29
N VAL A 136 -3.79 1.71 -11.73
CA VAL A 136 -3.34 0.65 -12.62
C VAL A 136 -3.46 -0.70 -11.93
N ILE A 137 -2.92 -0.80 -10.71
CA ILE A 137 -2.92 -2.09 -10.00
C ILE A 137 -4.35 -2.55 -9.75
N ILE A 138 -5.22 -1.64 -9.32
CA ILE A 138 -6.60 -2.02 -9.04
C ILE A 138 -7.30 -2.45 -10.33
N ARG A 139 -7.08 -1.72 -11.41
CA ARG A 139 -7.81 -2.00 -12.65
C ARG A 139 -7.30 -3.28 -13.32
N ASP A 140 -6.00 -3.53 -13.26
CA ASP A 140 -5.39 -4.60 -14.03
C ASP A 140 -5.26 -5.91 -13.25
N THR A 141 -5.45 -5.89 -11.94
CA THR A 141 -5.27 -7.06 -11.10
C THR A 141 -6.61 -7.50 -10.54
N ASP A 142 -6.90 -8.80 -10.64
CA ASP A 142 -8.03 -9.38 -9.94
C ASP A 142 -7.63 -9.69 -8.50
N TYR A 143 -8.43 -9.24 -7.54
CA TYR A 143 -8.17 -9.60 -6.16
C TYR A 143 -8.59 -11.05 -5.92
N ASN A 144 -7.69 -11.84 -5.33
CA ASN A 144 -7.94 -13.26 -5.12
C ASN A 144 -8.71 -13.45 -3.82
N LYS A 145 -10.03 -13.20 -3.88
CA LYS A 145 -10.85 -13.31 -2.68
C LYS A 145 -10.93 -14.75 -2.19
N LYS A 146 -10.94 -15.73 -3.11
CA LYS A 146 -10.93 -17.13 -2.70
C LYS A 146 -9.70 -17.43 -1.86
N ALA A 147 -8.54 -16.89 -2.25
CA ALA A 147 -7.32 -17.11 -1.47
C ALA A 147 -7.43 -16.47 -0.09
N PHE A 148 -7.82 -15.20 -0.04
CA PHE A 148 -7.97 -14.51 1.25
C PHE A 148 -8.92 -15.26 2.17
N GLU A 149 -10.09 -15.65 1.65
CA GLU A 149 -11.10 -16.33 2.44
C GLU A 149 -10.66 -17.72 2.88
N ALA A 150 -9.52 -18.22 2.38
CA ALA A 150 -8.95 -19.47 2.86
C ALA A 150 -8.14 -19.20 4.13
N ALA A 160 0.72 -18.22 -0.49
CA ALA A 160 1.94 -18.25 -1.30
C ALA A 160 1.60 -18.23 -2.78
N SER A 161 2.52 -17.71 -3.58
CA SER A 161 2.33 -17.58 -5.03
C SER A 161 1.44 -16.38 -5.35
N ASN A 162 0.68 -15.89 -4.37
CA ASN A 162 -0.08 -14.66 -4.52
C ASN A 162 0.54 -13.50 -3.78
N GLN A 163 1.78 -13.65 -3.27
CA GLN A 163 2.35 -12.70 -2.34
C GLN A 163 3.38 -11.75 -2.97
N ASP A 164 3.61 -11.84 -4.28
CA ASP A 164 4.74 -11.12 -4.87
C ASP A 164 4.28 -10.40 -6.13
N ILE A 165 5.21 -9.67 -6.75
CA ILE A 165 4.82 -8.85 -7.89
C ILE A 165 4.58 -9.69 -9.14
N LYS A 166 5.09 -10.92 -9.19
CA LYS A 166 4.72 -11.82 -10.28
C LYS A 166 3.21 -12.07 -10.28
N SER A 167 2.62 -12.29 -9.11
CA SER A 167 1.17 -12.52 -9.08
C SER A 167 0.42 -11.30 -9.59
N VAL A 168 1.01 -10.10 -9.47
CA VAL A 168 0.30 -8.90 -9.90
C VAL A 168 0.50 -8.62 -11.38
N PHE A 169 1.75 -8.61 -11.84
CA PHE A 169 2.05 -8.17 -13.20
C PHE A 169 2.10 -9.29 -14.22
N ILE A 170 2.21 -10.54 -13.77
CA ILE A 170 2.19 -11.69 -14.68
C ILE A 170 0.84 -12.38 -14.58
N ASP A 171 0.45 -12.78 -13.37
CA ASP A 171 -0.78 -13.54 -13.19
C ASP A 171 -2.02 -12.64 -13.16
N HIS A 172 -1.87 -11.40 -12.71
CA HIS A 172 -2.99 -10.47 -12.56
C HIS A 172 -4.05 -11.05 -11.62
N LEU A 173 -3.57 -11.65 -10.53
CA LEU A 173 -4.43 -12.24 -9.51
C LEU A 173 -3.61 -12.28 -8.23
N SER A 174 -4.00 -11.52 -7.22
CA SER A 174 -3.12 -11.33 -6.08
C SER A 174 -3.92 -10.95 -4.83
N VAL A 175 -3.20 -10.87 -3.71
CA VAL A 175 -3.74 -10.42 -2.44
C VAL A 175 -2.90 -9.25 -1.95
N CYS A 176 -3.17 -8.80 -0.73
CA CYS A 176 -2.64 -7.51 -0.28
C CYS A 176 -1.12 -7.44 -0.40
N ASN A 177 -0.41 -8.53 -0.07
CA ASN A 177 1.04 -8.42 -0.08
C ASN A 177 1.57 -8.15 -1.48
N GLY A 178 0.96 -8.78 -2.48
CA GLY A 178 1.38 -8.54 -3.86
C GLY A 178 1.04 -7.13 -4.32
N TYR A 179 -0.18 -6.67 -4.03
CA TYR A 179 -0.57 -5.30 -4.37
C TYR A 179 0.43 -4.29 -3.81
N ALA A 180 0.75 -4.43 -2.53
CA ALA A 180 1.59 -3.44 -1.84
C ALA A 180 3.02 -3.49 -2.36
N GLN A 181 3.53 -4.68 -2.66
CA GLN A 181 4.87 -4.77 -3.23
C GLN A 181 4.91 -4.25 -4.65
N ALA A 182 3.83 -4.49 -5.41
CA ALA A 182 3.75 -3.94 -6.76
C ALA A 182 3.74 -2.42 -6.74
N PHE A 183 3.01 -1.83 -5.79
CA PHE A 183 2.99 -0.38 -5.66
C PHE A 183 4.37 0.16 -5.34
N GLN A 184 5.10 -0.47 -4.41
CA GLN A 184 6.47 -0.08 -4.14
C GLN A 184 7.34 -0.24 -5.38
N PHE A 185 7.25 -1.41 -6.04
CA PHE A 185 8.00 -1.67 -7.27
C PHE A 185 7.90 -0.49 -8.23
N LEU A 186 6.68 -0.03 -8.51
CA LEU A 186 6.49 1.04 -9.47
C LEU A 186 7.03 2.36 -8.92
N CYS A 187 6.79 2.65 -7.63
CA CYS A 187 7.27 3.89 -7.05
C CYS A 187 8.79 3.97 -7.13
N GLN A 188 9.48 2.87 -6.81
CA GLN A 188 10.95 2.87 -6.88
C GLN A 188 11.42 3.21 -8.30
N LYS A 189 10.82 2.56 -9.30
CA LYS A 189 11.21 2.83 -10.69
C LYS A 189 10.96 4.29 -11.05
N ALA A 190 9.97 4.93 -10.43
CA ALA A 190 9.66 6.32 -10.68
C ALA A 190 10.53 7.27 -9.87
N GLY A 191 11.34 6.77 -8.94
CA GLY A 191 12.15 7.63 -8.10
C GLY A 191 11.40 8.28 -6.96
N ILE A 192 10.29 7.68 -6.53
CA ILE A 192 9.46 8.24 -5.45
C ILE A 192 9.76 7.44 -4.19
N PRO A 193 10.23 8.08 -3.11
CA PRO A 193 10.48 7.33 -1.87
C PRO A 193 9.20 6.66 -1.39
N VAL A 194 9.30 5.38 -1.04
CA VAL A 194 8.13 4.56 -0.77
C VAL A 194 8.51 3.52 0.29
N ALA A 195 7.50 3.03 0.99
CA ALA A 195 7.70 2.01 2.01
C ALA A 195 6.64 0.92 1.88
N TYR A 196 7.06 -0.31 2.14
CA TYR A 196 6.15 -1.42 2.39
C TYR A 196 5.91 -1.48 3.89
N ILE A 197 4.63 -1.59 4.27
CA ILE A 197 4.21 -1.60 5.67
C ILE A 197 3.38 -2.85 5.89
N ARG A 198 3.72 -3.62 6.91
CA ARG A 198 2.93 -4.79 7.27
C ARG A 198 2.29 -4.59 8.64
N GLY A 199 1.16 -5.26 8.85
CA GLY A 199 0.44 -5.11 10.09
C GLY A 199 -0.93 -5.77 10.11
N THR A 200 -1.88 -5.13 10.79
CA THR A 200 -3.21 -5.69 11.00
C THR A 200 -4.24 -4.72 10.44
N GLY A 201 -5.08 -5.20 9.54
CA GLY A 201 -6.24 -4.46 9.12
C GLY A 201 -7.44 -4.84 9.96
N THR A 202 -8.32 -3.86 10.19
CA THR A 202 -9.55 -4.11 10.93
C THR A 202 -10.72 -3.56 10.14
N SER A 203 -11.61 -4.44 9.71
CA SER A 203 -12.82 -4.07 9.00
C SER A 203 -14.01 -4.07 9.96
N GLN A 204 -15.08 -3.41 9.53
CA GLN A 204 -16.32 -3.29 10.29
C GLN A 204 -17.44 -3.86 9.43
N GLN A 205 -18.64 -3.97 10.03
CA GLN A 205 -19.82 -4.50 9.35
C GLN A 205 -19.43 -5.70 8.48
N PRO A 206 -18.98 -6.81 9.07
CA PRO A 206 -18.84 -7.10 10.51
C PRO A 206 -17.43 -6.86 11.03
N GLN A 207 -17.25 -6.73 12.35
CA GLN A 207 -15.93 -6.50 12.91
C GLN A 207 -15.03 -7.70 12.63
N GLN A 208 -13.81 -7.42 12.17
CA GLN A 208 -12.89 -8.47 11.78
C GLN A 208 -11.49 -7.89 11.64
N SER A 209 -10.51 -8.64 12.16
CA SER A 209 -9.09 -8.30 12.00
C SER A 209 -8.40 -9.33 11.13
N PHE A 210 -7.35 -8.90 10.44
CA PHE A 210 -6.64 -9.78 9.52
C PHE A 210 -5.25 -9.23 9.27
N ALA A 211 -4.32 -10.14 9.00
CA ALA A 211 -2.99 -9.76 8.53
C ALA A 211 -3.11 -8.99 7.22
N HIS A 212 -2.32 -7.93 7.09
CA HIS A 212 -2.51 -6.99 6.00
C HIS A 212 -1.20 -6.29 5.69
N ALA A 213 -1.12 -5.74 4.48
CA ALA A 213 0.05 -5.01 4.01
C ALA A 213 -0.38 -3.81 3.19
N TRP A 214 0.37 -2.73 3.29
CA TRP A 214 0.04 -1.51 2.56
C TRP A 214 1.30 -0.68 2.40
N ASN A 215 1.15 0.62 2.16
CA ASN A 215 2.29 1.45 1.75
C ASN A 215 2.23 2.83 2.38
N ALA A 216 3.38 3.50 2.30
CA ALA A 216 3.51 4.94 2.50
C ALA A 216 4.38 5.48 1.36
N VAL A 217 4.11 6.75 0.99
CA VAL A 217 4.90 7.41 -0.03
C VAL A 217 5.30 8.79 0.49
N GLN A 218 6.44 9.26 0.02
CA GLN A 218 6.91 10.59 0.36
C GLN A 218 6.66 11.52 -0.82
N ILE A 219 5.85 12.56 -0.60
CA ILE A 219 5.61 13.61 -1.57
C ILE A 219 5.86 14.93 -0.87
N ASN A 220 6.68 15.78 -1.48
CA ASN A 220 7.01 17.09 -0.92
C ASN A 220 7.57 16.95 0.49
N ASN A 221 8.38 15.91 0.69
CA ASN A 221 9.15 15.71 1.92
C ASN A 221 8.25 15.41 3.12
N THR A 222 7.13 14.77 2.88
CA THR A 222 6.27 14.30 3.96
C THR A 222 5.55 13.04 3.47
N TYR A 223 5.18 12.19 4.42
CA TYR A 223 4.69 10.86 4.07
C TYR A 223 3.18 10.82 4.00
N TYR A 224 2.66 9.93 3.15
CA TYR A 224 1.24 9.71 2.96
C TYR A 224 0.95 8.22 2.92
N GLY A 225 -0.13 7.82 3.57
CA GLY A 225 -0.50 6.41 3.59
C GLY A 225 -1.27 6.04 2.33
N VAL A 226 -1.01 4.82 1.85
CA VAL A 226 -1.64 4.32 0.63
C VAL A 226 -1.99 2.85 0.84
N ASP A 227 -3.25 2.48 0.57
CA ASP A 227 -3.69 1.09 0.62
C ASP A 227 -4.40 0.79 -0.69
N VAL A 228 -3.65 0.27 -1.67
CA VAL A 228 -4.21 -0.04 -2.98
C VAL A 228 -5.24 -1.17 -2.85
N THR A 229 -4.89 -2.23 -2.12
CA THR A 229 -5.76 -3.38 -2.02
C THR A 229 -7.16 -3.01 -1.53
N TRP A 230 -7.24 -2.23 -0.45
CA TRP A 230 -8.54 -1.88 0.10
C TRP A 230 -9.31 -0.95 -0.83
N GLY A 231 -8.64 -0.31 -1.77
CA GLY A 231 -9.32 0.46 -2.79
C GLY A 231 -9.91 -0.37 -3.91
N ASP A 232 -9.65 -1.67 -3.90
CA ASP A 232 -10.18 -2.58 -4.91
C ASP A 232 -11.61 -2.97 -4.55
N PRO A 233 -12.57 -2.81 -5.46
CA PRO A 233 -13.97 -3.09 -5.12
C PRO A 233 -14.23 -4.56 -4.77
N VAL A 234 -13.41 -5.48 -5.26
CA VAL A 234 -13.60 -6.87 -4.89
C VAL A 234 -13.15 -7.10 -3.45
N PHE A 235 -12.19 -6.32 -2.97
CA PHE A 235 -11.81 -6.40 -1.56
C PHE A 235 -12.90 -5.83 -0.66
N ASP A 236 -13.49 -4.70 -1.06
CA ASP A 236 -14.54 -4.04 -0.26
C ASP A 236 -15.40 -3.21 -1.19
N ASN A 237 -16.69 -3.58 -1.30
CA ASN A 237 -17.61 -2.96 -2.24
C ASN A 237 -18.70 -2.14 -1.55
N HIS A 238 -18.45 -1.67 -0.33
CA HIS A 238 -19.51 -0.99 0.42
C HIS A 238 -19.93 0.31 -0.24
N LEU A 239 -19.03 0.96 -0.98
CA LEU A 239 -19.37 2.22 -1.63
C LEU A 239 -19.78 2.04 -3.09
N SER A 240 -19.63 0.84 -3.64
CA SER A 240 -20.06 0.57 -5.00
C SER A 240 -21.58 0.62 -5.11
N THR A 246 -15.51 0.13 -10.25
CA THR A 246 -15.41 1.35 -9.45
C THR A 246 -14.03 1.43 -8.80
N ILE A 247 -13.54 2.65 -8.58
CA ILE A 247 -12.28 2.87 -7.87
C ILE A 247 -12.60 3.64 -6.58
N ASN A 248 -12.30 3.04 -5.44
CA ASN A 248 -12.46 3.67 -4.14
C ASN A 248 -11.17 4.43 -3.81
N TYR A 249 -11.20 5.75 -3.98
CA TYR A 249 -10.03 6.57 -3.75
C TYR A 249 -9.82 6.93 -2.28
N SER A 250 -10.70 6.49 -1.38
CA SER A 250 -10.60 6.89 0.02
C SER A 250 -9.46 6.22 0.78
N PHE A 251 -8.62 5.43 0.10
CA PHE A 251 -7.39 4.91 0.71
C PHE A 251 -6.14 5.48 0.06
N LEU A 252 -6.26 6.56 -0.73
CA LEU A 252 -5.13 7.11 -1.47
C LEU A 252 -4.61 8.36 -0.74
N CYS A 253 -3.40 8.24 -0.19
CA CYS A 253 -2.66 9.34 0.44
C CYS A 253 -3.39 9.90 1.67
N LEU A 254 -3.50 9.04 2.69
CA LEU A 254 -4.20 9.40 3.92
C LEU A 254 -3.22 9.75 5.03
N PRO A 255 -3.62 10.69 5.90
CA PRO A 255 -2.90 10.89 7.15
C PRO A 255 -3.21 9.76 8.13
N ASP A 256 -2.35 9.63 9.14
CA ASP A 256 -2.52 8.54 10.10
C ASP A 256 -3.83 8.68 10.88
N TYR A 257 -4.33 9.90 11.10
CA TYR A 257 -5.56 10.06 11.88
C TYR A 257 -6.76 9.47 11.15
N LEU A 258 -6.64 9.19 9.85
CA LEU A 258 -7.63 8.40 9.14
C LEU A 258 -7.20 6.95 8.93
N MET A 259 -5.94 6.72 8.55
CA MET A 259 -5.49 5.36 8.32
C MET A 259 -5.59 4.51 9.58
N ALA A 260 -5.31 5.10 10.75
CA ALA A 260 -5.30 4.34 11.99
C ALA A 260 -6.67 3.80 12.37
N LEU A 261 -7.75 4.26 11.71
CA LEU A 261 -9.07 3.75 12.03
C LEU A 261 -9.25 2.31 11.57
N SER A 262 -8.42 1.84 10.64
CA SER A 262 -8.54 0.49 10.11
C SER A 262 -7.19 -0.20 9.96
N HIS A 263 -6.08 0.44 10.30
CA HIS A 263 -4.76 -0.13 10.14
C HIS A 263 -3.96 0.00 11.43
N GLN A 264 -3.23 -1.06 11.78
CA GLN A 264 -2.26 -1.02 12.87
C GLN A 264 -0.96 -1.57 12.31
N PRO A 265 0.02 -0.72 11.99
CA PRO A 265 1.29 -1.22 11.47
C PRO A 265 2.07 -1.99 12.53
N SER A 266 2.90 -2.91 12.07
CA SER A 266 3.74 -3.71 12.95
C SER A 266 5.19 -3.23 12.85
N LYS A 267 5.81 -3.05 14.02
CA LYS A 267 7.24 -2.75 14.12
C LYS A 267 8.06 -4.00 14.41
N ASP A 268 7.41 -5.15 14.53
CA ASP A 268 8.05 -6.40 14.95
C ASP A 268 8.58 -7.18 13.75
N ILE A 269 9.44 -8.15 14.04
CA ILE A 269 9.93 -9.10 13.05
C ILE A 269 9.61 -10.49 13.54
N ALA A 270 8.67 -11.18 12.88
CA ALA A 270 8.36 -12.57 13.20
C ALA A 270 9.17 -13.45 12.24
N PHE A 271 10.38 -13.82 12.67
CA PHE A 271 11.30 -14.50 11.74
C PHE A 271 11.05 -16.01 11.65
N ASN A 272 10.19 -16.57 12.47
CA ASN A 272 9.69 -17.93 12.23
C ASN A 272 8.31 -18.02 12.89
N THR A 273 7.79 -19.23 13.07
CA THR A 273 6.45 -19.37 13.61
C THR A 273 6.41 -19.30 15.13
N LYS A 274 7.56 -19.33 15.80
CA LYS A 274 7.59 -19.38 17.26
C LYS A 274 8.14 -18.12 17.90
N GLU A 275 8.86 -17.27 17.18
CA GLU A 275 9.62 -16.20 17.80
C GLU A 275 9.48 -14.90 17.03
N ARG A 276 9.77 -13.79 17.72
CA ARG A 276 9.82 -12.49 17.06
C ARG A 276 10.76 -11.56 17.79
N PHE A 277 11.20 -10.52 17.08
CA PHE A 277 11.86 -9.37 17.66
C PHE A 277 10.85 -8.22 17.70
N GLU A 278 10.67 -7.64 18.88
CA GLU A 278 9.64 -6.61 19.06
C GLU A 278 10.21 -5.22 18.86
N ASN A 279 9.39 -4.35 18.28
CA ASN A 279 9.67 -2.92 18.21
C ASN A 279 11.03 -2.64 17.58
N VAL A 280 11.27 -3.26 16.43
CA VAL A 280 12.52 -3.04 15.70
C VAL A 280 12.43 -1.82 14.80
N TRP A 281 11.40 -1.74 13.97
CA TRP A 281 11.38 -0.80 12.86
C TRP A 281 10.58 0.46 13.21
N THR A 282 11.00 1.58 12.63
CA THR A 282 10.26 2.83 12.70
C THR A 282 9.34 2.94 11.49
N ILE A 283 8.09 3.33 11.73
CA ILE A 283 7.04 3.38 10.71
C ILE A 283 6.89 4.81 10.22
N PRO A 284 6.62 5.06 8.93
CA PRO A 284 6.48 6.44 8.46
C PRO A 284 5.33 7.16 9.17
N SER A 285 5.60 8.40 9.56
CA SER A 285 4.60 9.26 10.18
C SER A 285 3.91 10.09 9.10
N CYS A 286 2.60 9.92 8.96
CA CYS A 286 1.81 10.59 7.93
C CYS A 286 0.85 11.56 8.62
N THR A 287 1.09 12.86 8.45
CA THR A 287 0.36 13.87 9.19
C THR A 287 -0.42 14.85 8.33
N ASP A 288 -0.18 14.91 7.02
CA ASP A 288 -0.78 15.93 6.17
C ASP A 288 -2.00 15.36 5.46
N ASP A 289 -3.10 16.13 5.46
CA ASP A 289 -4.34 15.71 4.82
C ASP A 289 -4.57 16.40 3.49
N SER A 290 -3.61 17.18 2.99
CA SER A 290 -3.88 18.02 1.84
C SER A 290 -4.06 17.23 0.56
N LEU A 291 -3.61 15.98 0.51
CA LEU A 291 -3.70 15.17 -0.71
C LEU A 291 -4.89 14.23 -0.72
N LEU A 292 -5.75 14.28 0.30
CA LEU A 292 -6.96 13.47 0.30
C LEU A 292 -7.77 13.71 -0.97
N TYR A 293 -8.22 12.63 -1.60
CA TYR A 293 -9.08 12.75 -2.76
C TYR A 293 -10.31 13.59 -2.43
N SER A 294 -10.94 13.33 -1.28
CA SER A 294 -12.14 14.07 -0.90
C SER A 294 -11.84 15.56 -0.79
N LYS A 295 -10.77 15.91 -0.07
CA LYS A 295 -10.40 17.32 0.08
C LYS A 295 -10.16 17.97 -1.27
N ARG A 296 -9.43 17.28 -2.16
CA ARG A 296 -9.15 17.83 -3.48
C ARG A 296 -10.39 17.93 -4.34
N HIS A 297 -11.48 17.24 -3.99
CA HIS A 297 -12.73 17.30 -4.73
C HIS A 297 -13.87 17.89 -3.90
N GLN A 298 -13.52 18.64 -2.86
CA GLN A 298 -14.49 19.43 -2.09
C GLN A 298 -15.62 18.55 -1.55
N SER A 299 -15.26 17.34 -1.09
CA SER A 299 -16.22 16.45 -0.45
C SER A 299 -15.74 16.01 0.94
N TYR A 300 -14.83 16.77 1.55
CA TYR A 300 -14.27 16.45 2.86
C TYR A 300 -14.93 17.35 3.90
N ILE A 301 -15.57 16.75 4.90
CA ILE A 301 -16.32 17.45 5.92
C ILE A 301 -15.53 17.32 7.22
N SER A 302 -14.97 18.44 7.69
CA SER A 302 -14.11 18.44 8.87
C SER A 302 -14.81 18.93 10.12
N THR A 303 -16.09 19.26 10.03
CA THR A 303 -16.91 19.70 11.14
C THR A 303 -18.33 19.29 10.81
N PHE A 304 -19.06 18.75 11.78
CA PHE A 304 -20.43 18.39 11.43
C PHE A 304 -21.25 19.65 11.23
N ASP A 305 -21.84 19.79 10.05
CA ASP A 305 -22.67 20.94 9.77
C ASP A 305 -23.60 20.58 8.62
N SER A 306 -24.91 20.60 8.89
CA SER A 306 -25.88 20.18 7.88
C SER A 306 -25.78 21.04 6.62
N ASP A 307 -25.70 22.35 6.79
CA ASP A 307 -25.56 23.24 5.63
C ASP A 307 -24.34 22.83 4.82
N ALA A 308 -23.17 22.70 5.46
CA ALA A 308 -21.95 22.39 4.73
C ALA A 308 -22.04 21.04 4.04
N ILE A 309 -22.71 20.07 4.67
CA ILE A 309 -22.88 18.76 4.04
C ILE A 309 -23.74 18.89 2.78
N LEU A 310 -24.89 19.55 2.90
CA LEU A 310 -25.76 19.70 1.73
C LEU A 310 -25.12 20.55 0.65
N ALA A 311 -24.35 21.57 1.04
CA ALA A 311 -23.66 22.39 0.04
C ALA A 311 -22.64 21.57 -0.73
N SER A 312 -21.88 20.72 -0.04
CA SER A 312 -20.92 19.87 -0.73
C SER A 312 -21.62 18.93 -1.71
N LEU A 313 -22.71 18.31 -1.27
CA LEU A 313 -23.47 17.45 -2.17
C LEU A 313 -24.06 18.24 -3.33
N GLU A 314 -24.57 19.45 -3.05
CA GLU A 314 -25.14 20.24 -4.14
C GLU A 314 -24.08 20.65 -5.14
N ASN A 315 -22.90 21.05 -4.66
CA ASN A 315 -21.79 21.36 -5.55
C ASN A 315 -21.47 20.18 -6.45
N GLN A 316 -21.43 18.97 -5.88
CA GLN A 316 -21.21 17.78 -6.69
C GLN A 316 -22.35 17.59 -7.69
N LEU A 317 -23.59 17.79 -7.24
CA LEU A 317 -24.73 17.62 -8.15
C LEU A 317 -24.72 18.67 -9.26
N LEU A 318 -24.29 19.90 -8.94
CA LEU A 318 -24.17 20.92 -9.99
C LEU A 318 -23.16 20.50 -11.04
N ASN A 319 -22.12 19.78 -10.64
CA ASN A 319 -21.17 19.20 -11.58
C ASN A 319 -21.66 17.88 -12.17
N ARG A 320 -22.90 17.51 -11.90
CA ARG A 320 -23.54 16.37 -12.55
C ARG A 320 -22.82 15.06 -12.21
N GLN A 321 -22.33 14.96 -10.98
CA GLN A 321 -21.66 13.76 -10.52
C GLN A 321 -22.67 12.76 -9.96
N GLU A 322 -22.47 11.47 -10.26
CA GLU A 322 -23.22 10.40 -9.61
C GLU A 322 -22.31 9.19 -9.67
N PRO A 323 -22.07 8.49 -8.54
CA PRO A 323 -22.60 8.77 -7.20
C PRO A 323 -21.94 9.97 -6.52
N LEU A 324 -22.66 10.57 -5.58
CA LEU A 324 -22.09 11.57 -4.71
C LEU A 324 -21.30 10.88 -3.60
N SER A 325 -20.43 11.65 -2.95
CA SER A 325 -19.64 11.06 -1.87
C SER A 325 -19.27 12.12 -0.84
N LEU A 326 -19.05 11.65 0.38
CA LEU A 326 -18.55 12.48 1.45
C LEU A 326 -17.54 11.67 2.25
N GLN A 327 -16.51 12.34 2.73
CA GLN A 327 -15.57 11.80 3.70
C GLN A 327 -15.49 12.78 4.86
N PHE A 328 -15.43 12.25 6.07
CA PHE A 328 -15.35 13.05 7.29
C PHE A 328 -13.96 12.92 7.91
N ALA A 329 -13.57 13.98 8.62
CA ALA A 329 -12.29 13.96 9.31
C ALA A 329 -12.36 13.25 10.64
N HIS A 330 -13.52 13.29 11.30
CA HIS A 330 -13.64 12.85 12.69
C HIS A 330 -14.79 11.87 12.85
N GLN A 331 -14.54 10.83 13.65
CA GLN A 331 -15.49 9.72 13.78
C GLN A 331 -16.88 10.22 14.19
N ASP A 332 -16.96 11.03 15.24
CA ASP A 332 -18.27 11.39 15.76
C ASP A 332 -19.05 12.27 14.79
N ASP A 333 -18.37 13.02 13.92
CA ASP A 333 -19.08 13.75 12.87
C ASP A 333 -19.66 12.79 11.84
N TYR A 334 -18.88 11.80 11.42
CA TYR A 334 -19.39 10.76 10.52
C TYR A 334 -20.58 10.04 11.16
N GLN A 335 -20.43 9.67 12.44
CA GLN A 335 -21.51 8.97 13.12
C GLN A 335 -22.77 9.81 13.22
N GLN A 336 -22.63 11.12 13.45
CA GLN A 336 -23.81 11.96 13.51
C GLN A 336 -24.51 12.03 12.15
N MET A 337 -23.74 12.07 11.07
CA MET A 337 -24.33 12.04 9.74
C MET A 337 -25.09 10.73 9.52
N VAL A 338 -24.51 9.61 9.98
CA VAL A 338 -25.19 8.32 9.86
C VAL A 338 -26.53 8.34 10.60
N THR A 339 -26.51 8.85 11.84
CA THR A 339 -27.75 8.92 12.62
C THR A 339 -28.77 9.83 11.94
N ASP A 340 -28.33 10.96 11.39
CA ASP A 340 -29.26 11.85 10.70
C ASP A 340 -29.84 11.19 9.45
N LEU A 341 -29.11 10.26 8.84
CA LEU A 341 -29.67 9.56 7.68
C LEU A 341 -30.67 8.49 8.10
N THR A 342 -30.55 7.95 9.31
CA THR A 342 -31.56 7.02 9.80
C THR A 342 -32.75 7.73 10.42
N THR A 343 -32.68 9.05 10.63
CA THR A 343 -33.81 9.83 11.09
C THR A 343 -34.14 10.91 10.07
N ASN A 344 -33.54 12.09 10.20
CA ASN A 344 -33.90 13.24 9.35
C ASN A 344 -33.35 13.04 7.95
N GLN A 345 -34.20 12.60 7.03
CA GLN A 345 -33.82 12.44 5.62
C GLN A 345 -34.38 13.54 4.73
N THR A 346 -35.23 14.42 5.26
CA THR A 346 -35.99 15.33 4.41
C THR A 346 -35.06 16.30 3.68
N GLY A 347 -34.04 16.82 4.36
CA GLY A 347 -33.10 17.71 3.69
C GLY A 347 -32.50 17.09 2.44
N TYR A 348 -32.21 15.78 2.50
CA TYR A 348 -31.56 15.10 1.38
C TYR A 348 -32.51 14.88 0.22
N HIS A 349 -33.73 14.41 0.50
CA HIS A 349 -34.71 14.24 -0.58
C HIS A 349 -34.98 15.56 -1.28
N ASN A 350 -35.12 16.64 -0.52
CA ASN A 350 -35.39 17.94 -1.12
C ASN A 350 -34.28 18.35 -2.08
N LEU A 351 -33.02 18.12 -1.70
CA LEU A 351 -31.91 18.47 -2.57
C LEU A 351 -31.85 17.55 -3.79
N PHE A 352 -31.90 16.24 -3.56
CA PHE A 352 -31.74 15.28 -4.64
C PHE A 352 -32.87 15.37 -5.65
N ASN A 353 -34.09 15.63 -5.17
CA ASN A 353 -35.23 15.74 -6.08
C ASN A 353 -35.05 16.87 -7.08
N GLN A 354 -34.23 17.86 -6.76
CA GLN A 354 -34.01 18.97 -7.67
C GLN A 354 -33.14 18.59 -8.86
N TYR A 355 -32.33 17.55 -8.72
CA TYR A 355 -31.32 17.23 -9.73
C TYR A 355 -31.51 15.87 -10.39
N TRP A 356 -32.12 14.90 -9.71
CA TRP A 356 -32.33 13.58 -10.26
C TRP A 356 -33.78 13.45 -10.73
N ASN A 357 -33.94 13.00 -11.97
CA ASN A 357 -35.26 12.89 -12.56
C ASN A 357 -35.97 11.63 -12.06
N ASN A 358 -37.29 11.64 -12.18
CA ASN A 358 -38.12 10.51 -11.76
C ASN A 358 -37.70 10.06 -10.36
N TYR A 359 -37.48 11.04 -9.48
CA TYR A 359 -36.87 10.76 -8.18
C TYR A 359 -37.82 9.97 -7.30
N THR A 360 -37.32 8.85 -6.77
CA THR A 360 -38.08 8.03 -5.84
C THR A 360 -37.28 7.68 -4.58
N GLY A 361 -36.25 8.46 -4.28
CA GLY A 361 -35.44 8.27 -3.09
C GLY A 361 -33.98 8.08 -3.44
N PHE A 362 -33.21 7.71 -2.42
CA PHE A 362 -31.78 7.47 -2.59
C PHE A 362 -31.34 6.29 -1.73
N THR A 363 -30.29 5.63 -2.19
CA THR A 363 -29.56 4.61 -1.43
C THR A 363 -28.21 5.18 -1.03
N TYR A 364 -27.61 4.59 0.00
CA TYR A 364 -26.28 5.03 0.42
C TYR A 364 -25.47 3.83 0.88
N GLY A 365 -24.15 3.96 0.74
CA GLY A 365 -23.22 2.95 1.19
C GLY A 365 -22.25 3.57 2.18
N LEU A 366 -21.89 2.81 3.21
CA LEU A 366 -21.06 3.29 4.30
C LEU A 366 -19.74 2.53 4.31
N LEU A 367 -18.65 3.27 4.42
CA LEU A 367 -17.32 2.71 4.62
C LEU A 367 -16.72 3.39 5.85
N PRO A 368 -17.18 3.02 7.04
CA PRO A 368 -16.67 3.70 8.25
C PRO A 368 -15.16 3.62 8.39
N GLU A 369 -14.54 2.60 7.79
CA GLU A 369 -13.09 2.46 7.90
C GLU A 369 -12.36 3.70 7.41
N THR A 370 -12.96 4.47 6.49
CA THR A 370 -12.38 5.75 6.08
C THR A 370 -13.35 6.91 6.30
N LEU A 371 -14.39 6.70 7.11
CA LEU A 371 -15.40 7.73 7.40
C LEU A 371 -16.02 8.27 6.12
N SER A 372 -16.37 7.36 5.21
CA SER A 372 -16.86 7.72 3.89
C SER A 372 -18.29 7.26 3.70
N ILE A 373 -19.01 7.96 2.82
CA ILE A 373 -20.37 7.59 2.43
C ILE A 373 -20.56 7.95 0.96
N SER A 374 -21.33 7.12 0.26
CA SER A 374 -21.67 7.35 -1.13
C SER A 374 -23.19 7.32 -1.28
N PHE A 375 -23.70 8.15 -2.19
CA PHE A 375 -25.13 8.29 -2.44
C PHE A 375 -25.44 7.96 -3.89
N ALA A 376 -26.61 7.38 -4.13
CA ALA A 376 -27.06 7.11 -5.49
C ALA A 376 -28.58 7.14 -5.53
N SER A 377 -29.12 7.42 -6.71
CA SER A 377 -30.57 7.46 -6.87
C SER A 377 -31.17 6.07 -6.73
N ARG A 378 -32.30 6.00 -6.04
CA ARG A 378 -32.95 4.71 -5.78
C ARG A 378 -33.75 4.27 -6.99
N ASN A 379 -33.85 2.95 -7.16
CA ASN A 379 -34.60 2.38 -8.26
C ASN A 379 -35.49 1.24 -7.78
#